data_7C7V
#
_entry.id   7C7V
#
_cell.length_a   158.045
_cell.length_b   36.898
_cell.length_c   39.486
_cell.angle_alpha   90.000
_cell.angle_beta   96.963
_cell.angle_gamma   90.000
#
_symmetry.space_group_name_H-M   'C 1 2 1'
#
loop_
_entity.id
_entity.type
_entity.pdbx_description
1 polymer 'Vitamin D3 receptor'
2 polymer 'Mediator of RNA polymerase II transcription subunit 1'
3 non-polymer '(4R)-4-[(3R,5R,8R,9S,10S,13R,14S,17R)-10,13-dimethyl-3-(2-methyl-2-oxidanyl-propyl)-2,3,4,5,6,7,8,9,11,12,14,15,16,17-tetradecahydro-1H-cyclopenta[a]phenanthren-17-yl]pentanoic acid'
4 non-polymer 'FORMIC ACID'
5 water water
#
loop_
_entity_poly.entity_id
_entity_poly.type
_entity_poly.pdbx_seq_one_letter_code
_entity_poly.pdbx_strand_id
1 'polypeptide(L)'
;GSHMGSPNSPLKDSLRPKLSEEQQHIIAILLDAHHKTYDPTYADFRDFRPPVRMDGSTGSVTLDLSPLSMLPHLADLVSY
SIQKVIGFAKMIPGFRDLTSDDQIVLLKSSAIEVIMLRSNQSFTMDDMSWDCGSQDYKYDVTDVSKAGHTLELIEPLIKF
QVGLKKLNLHEEEHVLLMAICIVSPDRPGVQDAKLVEAIQDRLSNTLQTYIRCRHPPPGSHQLYAKMIQKLADLRSLNEE
HSKQYRSLSFQPENSMKLTPLVLEVFGNEIS
;
A
2 'polypeptide(L)' KNHPMLMNLLKDN C
#
loop_
_chem_comp.id
_chem_comp.type
_chem_comp.name
_chem_comp.formula
FKC non-polymer '(4R)-4-[(3R,5R,8R,9S,10S,13R,14S,17R)-10,13-dimethyl-3-(2-methyl-2-oxidanyl-propyl)-2,3,4,5,6,7,8,9,11,12,14,15,16,17-tetradecahydro-1H-cyclopenta[a]phenanthren-17-yl]pentanoic acid' 'C28 H48 O3'
FMT non-polymer 'FORMIC ACID' 'C H2 O2'
#
# COMPACT_ATOMS: atom_id res chain seq x y z
N LEU A 19 -26.98 0.37 -2.74
CA LEU A 19 -26.12 1.05 -1.69
C LEU A 19 -26.99 1.32 -0.45
N SER A 20 -26.94 0.42 0.53
CA SER A 20 -27.54 0.63 1.87
C SER A 20 -26.93 1.89 2.54
N GLU A 21 -27.45 2.24 3.71
CA GLU A 21 -26.93 3.32 4.58
C GLU A 21 -25.54 2.90 5.06
N GLU A 22 -25.43 1.64 5.50
CA GLU A 22 -24.17 1.05 6.02
C GLU A 22 -23.09 1.18 4.93
N GLN A 23 -23.36 0.77 3.69
CA GLN A 23 -22.42 0.85 2.55
C GLN A 23 -21.99 2.31 2.33
N GLN A 24 -22.90 3.27 2.35
CA GLN A 24 -22.52 4.69 2.15
C GLN A 24 -21.57 5.14 3.27
N HIS A 25 -21.78 4.65 4.49
CA HIS A 25 -20.96 5.02 5.67
C HIS A 25 -19.55 4.49 5.46
N ILE A 26 -19.46 3.20 5.10
CA ILE A 26 -18.16 2.53 4.85
C ILE A 26 -17.34 3.39 3.88
N ILE A 27 -17.95 3.82 2.79
CA ILE A 27 -17.23 4.50 1.68
C ILE A 27 -16.76 5.86 2.20
N ALA A 28 -17.64 6.61 2.85
CA ALA A 28 -17.35 7.98 3.34
C ALA A 28 -16.22 7.91 4.39
N ILE A 29 -16.27 6.91 5.26
CA ILE A 29 -15.23 6.69 6.32
C ILE A 29 -13.90 6.40 5.59
N LEU A 30 -13.91 5.52 4.58
CA LEU A 30 -12.65 5.17 3.88
C LEU A 30 -12.14 6.39 3.10
N LEU A 31 -13.00 7.15 2.42
CA LEU A 31 -12.51 8.39 1.75
C LEU A 31 -11.82 9.34 2.75
N ASP A 32 -12.41 9.57 3.91
CA ASP A 32 -11.83 10.59 4.82
C ASP A 32 -10.56 10.00 5.43
N ALA A 33 -10.55 8.70 5.71
CA ALA A 33 -9.37 8.00 6.28
C ALA A 33 -8.18 8.21 5.32
N HIS A 34 -8.42 8.03 4.04
CA HIS A 34 -7.36 8.18 3.00
C HIS A 34 -6.90 9.64 2.96
N HIS A 35 -7.86 10.58 2.90
CA HIS A 35 -7.56 12.05 2.88
C HIS A 35 -6.73 12.42 4.10
N LYS A 36 -7.01 11.83 5.26
CA LYS A 36 -6.25 12.10 6.51
C LYS A 36 -4.84 11.48 6.46
N THR A 37 -4.59 10.43 5.68
CA THR A 37 -3.37 9.60 5.82
C THR A 37 -2.47 9.63 4.57
N TYR A 38 -2.88 10.27 3.47
CA TYR A 38 -2.04 10.35 2.25
C TYR A 38 -1.87 11.83 1.83
N ASP A 39 -0.62 12.27 1.64
CA ASP A 39 -0.26 13.63 1.17
C ASP A 39 0.58 13.50 -0.11
N PRO A 40 -0.01 13.69 -1.31
CA PRO A 40 0.77 13.64 -2.56
C PRO A 40 1.59 14.91 -2.84
N THR A 41 1.60 15.88 -1.91
CA THR A 41 2.56 17.02 -1.89
C THR A 41 3.85 16.52 -1.25
N TYR A 42 3.74 15.48 -0.41
CA TYR A 42 4.86 14.75 0.24
C TYR A 42 5.74 15.73 1.03
N ALA A 43 5.13 16.71 1.73
CA ALA A 43 5.79 17.77 2.52
C ALA A 43 6.87 17.18 3.44
N ASP A 44 6.51 16.15 4.21
CA ASP A 44 7.36 15.58 5.28
C ASP A 44 8.64 14.95 4.72
N PHE A 45 8.76 14.79 3.39
CA PHE A 45 9.91 14.18 2.69
C PHE A 45 11.17 15.05 2.82
N ARG A 46 10.99 16.32 3.23
CA ARG A 46 12.08 17.23 3.68
C ARG A 46 12.75 16.65 4.93
N ASP A 47 11.97 16.04 5.83
CA ASP A 47 12.40 15.45 7.13
C ASP A 47 13.06 14.08 6.94
N PHE A 48 13.11 13.55 5.72
CA PHE A 48 13.83 12.30 5.39
C PHE A 48 15.30 12.64 5.17
N ARG A 49 16.17 11.63 5.18
CA ARG A 49 17.53 11.75 4.59
C ARG A 49 17.34 12.16 3.14
N PRO A 50 18.11 13.14 2.61
CA PRO A 50 17.83 13.72 1.30
C PRO A 50 18.12 12.76 0.16
N PRO A 51 17.40 12.88 -0.97
CA PRO A 51 17.67 12.03 -2.14
C PRO A 51 19.07 12.32 -2.70
N VAL A 52 19.72 11.32 -3.31
CA VAL A 52 21.06 11.48 -3.95
C VAL A 52 21.10 10.66 -5.25
N SER A 66 26.55 5.57 -7.02
CA SER A 66 26.35 4.13 -6.71
C SER A 66 24.93 3.71 -7.07
N PRO A 67 24.64 2.39 -7.11
CA PRO A 67 23.27 1.91 -7.33
C PRO A 67 22.50 1.82 -6.02
N LEU A 68 23.06 2.34 -4.90
CA LEU A 68 22.45 2.39 -3.55
C LEU A 68 22.31 3.82 -3.03
N SER A 69 22.49 4.88 -3.85
CA SER A 69 22.49 6.29 -3.38
C SER A 69 21.12 6.70 -2.83
N MET A 70 20.03 6.08 -3.30
CA MET A 70 18.64 6.47 -2.96
C MET A 70 18.11 5.57 -1.82
N LEU A 71 18.86 4.55 -1.43
CA LEU A 71 18.37 3.62 -0.38
C LEU A 71 17.98 4.38 0.90
N PRO A 72 18.84 5.26 1.48
CA PRO A 72 18.47 5.94 2.73
C PRO A 72 17.17 6.76 2.66
N HIS A 73 17.06 7.61 1.63
CA HIS A 73 15.86 8.45 1.36
C HIS A 73 14.61 7.59 1.19
N LEU A 74 14.68 6.57 0.32
CA LEU A 74 13.52 5.71 -0.04
C LEU A 74 13.21 4.70 1.08
N ALA A 75 14.18 4.33 1.91
CA ALA A 75 13.89 3.59 3.17
C ALA A 75 13.13 4.53 4.12
N ASP A 76 13.52 5.81 4.18
CA ASP A 76 12.80 6.82 5.01
C ASP A 76 11.36 6.96 4.51
N LEU A 77 11.15 7.04 3.19
CA LEU A 77 9.81 7.24 2.59
C LEU A 77 8.89 6.05 2.89
N VAL A 78 9.39 4.85 2.69
CA VAL A 78 8.64 3.60 2.97
C VAL A 78 8.29 3.57 4.47
N SER A 79 9.24 3.87 5.35
CA SER A 79 9.07 3.85 6.83
C SER A 79 7.97 4.83 7.24
N TYR A 80 8.04 6.04 6.75
CA TYR A 80 6.98 7.05 6.93
C TYR A 80 5.63 6.52 6.42
N SER A 81 5.60 5.98 5.20
CA SER A 81 4.38 5.52 4.51
C SER A 81 3.72 4.35 5.27
N ILE A 82 4.50 3.48 5.89
CA ILE A 82 3.97 2.41 6.78
C ILE A 82 3.15 3.05 7.91
N GLN A 83 3.62 4.14 8.50
CA GLN A 83 2.87 4.78 9.63
C GLN A 83 1.51 5.22 9.10
N LYS A 84 1.47 5.68 7.86
CA LYS A 84 0.24 6.26 7.25
C LYS A 84 -0.73 5.15 6.91
N VAL A 85 -0.19 4.01 6.48
CA VAL A 85 -1.02 2.82 6.19
C VAL A 85 -1.70 2.37 7.48
N ILE A 86 -0.97 2.30 8.58
CA ILE A 86 -1.53 1.93 9.91
C ILE A 86 -2.64 2.93 10.27
N GLY A 87 -2.43 4.23 10.03
CA GLY A 87 -3.46 5.27 10.25
C GLY A 87 -4.73 4.95 9.48
N PHE A 88 -4.59 4.67 8.18
CA PHE A 88 -5.70 4.30 7.28
C PHE A 88 -6.36 3.03 7.84
N ALA A 89 -5.56 1.99 8.07
CA ALA A 89 -6.03 0.68 8.56
C ALA A 89 -6.95 0.84 9.78
N LYS A 90 -6.53 1.61 10.77
CA LYS A 90 -7.28 1.72 12.06
C LYS A 90 -8.69 2.30 11.84
N MET A 91 -8.93 2.95 10.70
CA MET A 91 -10.22 3.62 10.43
C MET A 91 -11.07 2.74 9.53
N ILE A 92 -10.57 1.57 9.14
CA ILE A 92 -11.38 0.61 8.34
C ILE A 92 -12.39 0.01 9.30
N PRO A 93 -13.72 0.10 9.00
CA PRO A 93 -14.75 -0.36 9.91
C PRO A 93 -14.57 -1.86 10.19
N GLY A 94 -14.57 -2.24 11.46
CA GLY A 94 -14.43 -3.64 11.92
C GLY A 94 -12.99 -3.99 12.19
N PHE A 95 -12.04 -3.18 11.71
CA PHE A 95 -10.59 -3.44 11.92
C PHE A 95 -10.27 -3.51 13.42
N ARG A 96 -10.76 -2.54 14.18
CA ARG A 96 -10.46 -2.35 15.63
C ARG A 96 -11.15 -3.44 16.44
N ASP A 97 -12.15 -4.10 15.87
CA ASP A 97 -12.81 -5.28 16.50
C ASP A 97 -11.88 -6.50 16.39
N LEU A 98 -10.81 -6.45 15.59
CA LEU A 98 -9.86 -7.60 15.49
C LEU A 98 -8.98 -7.56 16.75
N THR A 99 -8.33 -8.68 17.10
CA THR A 99 -7.28 -8.70 18.14
C THR A 99 -6.10 -7.87 17.60
N SER A 100 -5.21 -7.49 18.51
CA SER A 100 -3.99 -6.74 18.18
C SER A 100 -3.04 -7.69 17.42
N ASP A 101 -3.06 -8.98 17.75
CA ASP A 101 -2.28 -10.03 17.02
C ASP A 101 -2.63 -10.02 15.52
N ASP A 102 -3.92 -10.10 15.17
CA ASP A 102 -4.45 -10.16 13.78
C ASP A 102 -4.10 -8.85 13.04
N GLN A 103 -4.33 -7.73 13.70
CA GLN A 103 -4.01 -6.38 13.21
C GLN A 103 -2.55 -6.31 12.80
N ILE A 104 -1.67 -6.83 13.66
CA ILE A 104 -0.20 -6.80 13.42
C ILE A 104 0.07 -7.58 12.14
N VAL A 105 -0.38 -8.83 12.05
CA VAL A 105 -0.02 -9.72 10.90
C VAL A 105 -0.61 -9.15 9.60
N LEU A 106 -1.84 -8.64 9.62
CA LEU A 106 -2.47 -8.03 8.41
C LEU A 106 -1.59 -6.88 7.89
N LEU A 107 -1.12 -6.01 8.80
CA LEU A 107 -0.32 -4.83 8.43
C LEU A 107 1.06 -5.26 7.94
N LYS A 108 1.75 -6.13 8.69
CA LYS A 108 3.04 -6.74 8.27
C LYS A 108 3.00 -7.23 6.82
N SER A 109 2.02 -8.04 6.43
CA SER A 109 2.01 -8.62 5.06
C SER A 109 1.48 -7.60 4.04
N SER A 110 0.59 -6.65 4.40
CA SER A 110 -0.07 -5.76 3.41
C SER A 110 0.70 -4.45 3.20
N ALA A 111 1.61 -4.07 4.09
CA ALA A 111 2.13 -2.69 4.15
C ALA A 111 2.73 -2.30 2.80
N ILE A 112 3.64 -3.11 2.25
CA ILE A 112 4.35 -2.75 1.00
C ILE A 112 3.34 -2.64 -0.13
N GLU A 113 2.32 -3.48 -0.13
CA GLU A 113 1.26 -3.51 -1.18
C GLU A 113 0.44 -2.23 -1.13
N VAL A 114 0.05 -1.84 0.08
CA VAL A 114 -0.84 -0.67 0.21
C VAL A 114 -0.02 0.55 -0.22
N ILE A 115 1.28 0.59 0.09
CA ILE A 115 2.19 1.73 -0.26
C ILE A 115 2.30 1.85 -1.79
N MET A 116 2.59 0.74 -2.45
CA MET A 116 2.58 0.65 -3.94
C MET A 116 1.21 1.06 -4.49
N LEU A 117 0.11 0.56 -3.90
CA LEU A 117 -1.26 0.84 -4.39
C LEU A 117 -1.61 2.33 -4.27
N ARG A 118 -1.40 2.95 -3.09
CA ARG A 118 -1.85 4.34 -2.85
C ARG A 118 -0.98 5.33 -3.66
N SER A 119 0.25 4.95 -3.98
CA SER A 119 1.17 5.77 -4.79
C SER A 119 0.61 6.02 -6.19
N ASN A 120 -0.38 5.25 -6.64
CA ASN A 120 -0.95 5.41 -8.01
C ASN A 120 -1.44 6.85 -8.21
N GLN A 121 -1.92 7.50 -7.15
CA GLN A 121 -2.50 8.87 -7.25
C GLN A 121 -1.41 9.90 -7.62
N SER A 122 -0.15 9.65 -7.31
CA SER A 122 0.98 10.57 -7.57
C SER A 122 1.72 10.13 -8.84
N PHE A 123 1.47 8.91 -9.28
CA PHE A 123 2.04 8.36 -10.54
C PHE A 123 1.44 9.14 -11.71
N THR A 124 2.26 9.44 -12.70
CA THR A 124 1.87 10.10 -13.97
C THR A 124 2.48 9.30 -15.13
N MET A 125 1.65 8.89 -16.08
CA MET A 125 2.12 8.26 -17.35
C MET A 125 2.80 9.30 -18.24
N ASP A 126 2.62 10.60 -18.00
CA ASP A 126 3.33 11.65 -18.79
C ASP A 126 4.80 11.26 -18.98
N ASP A 127 5.48 10.80 -17.92
CA ASP A 127 6.90 10.39 -17.99
C ASP A 127 7.20 9.24 -17.03
N MET A 128 6.19 8.46 -16.66
CA MET A 128 6.38 7.19 -15.89
C MET A 128 7.08 7.46 -14.57
N SER A 129 6.63 8.47 -13.84
CA SER A 129 7.26 8.92 -12.58
C SER A 129 6.19 9.08 -11.49
N TRP A 130 6.61 9.10 -10.22
CA TRP A 130 5.80 9.51 -9.03
C TRP A 130 6.22 10.94 -8.70
N ASP A 131 5.32 11.89 -8.91
CA ASP A 131 5.69 13.33 -8.91
C ASP A 131 4.90 13.97 -7.78
N CYS A 132 5.51 13.95 -6.59
CA CYS A 132 5.04 14.58 -5.34
C CYS A 132 5.34 16.08 -5.41
N GLY A 133 4.81 16.75 -6.45
CA GLY A 133 4.89 18.21 -6.68
C GLY A 133 6.21 18.66 -7.29
N SER A 134 7.32 18.56 -6.54
CA SER A 134 8.63 19.19 -6.82
C SER A 134 9.61 18.20 -7.48
N GLN A 135 10.53 18.69 -8.32
CA GLN A 135 11.58 17.89 -9.01
C GLN A 135 12.43 17.17 -7.94
N ASP A 136 12.65 17.85 -6.83
CA ASP A 136 13.36 17.35 -5.61
C ASP A 136 12.71 16.04 -5.13
N TYR A 137 11.38 15.93 -5.23
CA TYR A 137 10.55 14.79 -4.76
C TYR A 137 9.73 14.28 -5.95
N LYS A 138 10.43 14.14 -7.08
CA LYS A 138 9.94 13.46 -8.31
C LYS A 138 10.79 12.21 -8.49
N TYR A 139 10.17 11.03 -8.47
CA TYR A 139 10.89 9.74 -8.55
C TYR A 139 10.51 9.03 -9.85
N ASP A 140 11.50 8.78 -10.70
CA ASP A 140 11.34 8.02 -11.96
C ASP A 140 12.08 6.68 -11.84
N VAL A 141 12.10 5.93 -12.93
CA VAL A 141 12.72 4.58 -12.99
C VAL A 141 14.19 4.69 -12.56
N THR A 142 14.87 5.79 -12.88
CA THR A 142 16.30 5.95 -12.51
C THR A 142 16.41 6.07 -10.98
N ASP A 143 15.62 6.94 -10.37
CA ASP A 143 15.64 7.14 -8.90
C ASP A 143 15.42 5.82 -8.14
N VAL A 144 14.35 5.09 -8.43
CA VAL A 144 13.83 4.01 -7.54
C VAL A 144 14.66 2.75 -7.77
N SER A 145 15.44 2.77 -8.83
CA SER A 145 16.37 1.71 -9.29
C SER A 145 17.68 1.76 -8.50
N LYS A 146 17.87 2.79 -7.67
CA LYS A 146 19.10 3.07 -6.89
C LYS A 146 18.93 2.84 -5.37
N ALA A 147 18.13 1.85 -4.98
CA ALA A 147 17.92 1.47 -3.58
C ALA A 147 18.16 -0.02 -3.36
N GLY A 148 18.97 -0.66 -4.23
CA GLY A 148 19.38 -2.07 -4.03
C GLY A 148 18.29 -3.06 -4.38
N HIS A 149 17.25 -2.61 -5.08
CA HIS A 149 16.24 -3.47 -5.74
C HIS A 149 16.50 -3.45 -7.25
N THR A 150 16.36 -4.62 -7.87
CA THR A 150 16.60 -4.85 -9.32
C THR A 150 15.28 -4.66 -10.07
N LEU A 151 15.37 -4.64 -11.40
CA LEU A 151 14.23 -4.26 -12.26
C LEU A 151 13.22 -5.38 -12.30
N GLU A 152 13.67 -6.55 -11.87
CA GLU A 152 12.76 -7.69 -11.63
C GLU A 152 11.62 -7.20 -10.74
N LEU A 153 11.88 -6.28 -9.80
CA LEU A 153 10.82 -5.64 -8.97
C LEU A 153 10.34 -4.36 -9.64
N ILE A 154 11.22 -3.54 -10.21
CA ILE A 154 10.88 -2.13 -10.61
C ILE A 154 9.98 -2.14 -11.85
N GLU A 155 10.31 -2.93 -12.87
CA GLU A 155 9.56 -2.95 -14.16
C GLU A 155 8.12 -3.38 -13.89
N PRO A 156 7.84 -4.52 -13.21
CA PRO A 156 6.46 -4.87 -12.89
C PRO A 156 5.76 -3.80 -12.04
N LEU A 157 6.48 -3.15 -11.13
CA LEU A 157 5.89 -2.09 -10.29
C LEU A 157 5.44 -0.96 -11.19
N ILE A 158 6.26 -0.61 -12.21
CA ILE A 158 5.86 0.52 -13.10
C ILE A 158 4.72 0.03 -14.00
N LYS A 159 4.78 -1.19 -14.50
CA LYS A 159 3.69 -1.69 -15.37
C LYS A 159 2.39 -1.76 -14.56
N PHE A 160 2.48 -2.20 -13.29
CA PHE A 160 1.31 -2.24 -12.39
C PHE A 160 0.67 -0.84 -12.26
N GLN A 161 1.47 0.19 -12.09
CA GLN A 161 0.94 1.59 -12.02
C GLN A 161 0.21 1.95 -13.32
N VAL A 162 0.81 1.67 -14.47
CA VAL A 162 0.23 1.95 -15.82
C VAL A 162 -1.11 1.22 -15.91
N GLY A 163 -1.17 -0.07 -15.53
CA GLY A 163 -2.41 -0.88 -15.55
C GLY A 163 -3.51 -0.25 -14.70
N LEU A 164 -3.15 0.22 -13.52
CA LEU A 164 -4.13 0.76 -12.54
C LEU A 164 -4.65 2.11 -13.07
N LYS A 165 -3.76 2.93 -13.60
CA LYS A 165 -4.14 4.21 -14.26
C LYS A 165 -5.17 3.92 -15.36
N LYS A 166 -4.97 2.86 -16.14
CA LYS A 166 -5.84 2.48 -17.29
C LYS A 166 -7.22 2.04 -16.84
N LEU A 167 -7.40 1.51 -15.63
CA LEU A 167 -8.74 1.15 -15.08
C LEU A 167 -9.53 2.43 -14.78
N ASN A 168 -8.86 3.55 -14.55
CA ASN A 168 -9.52 4.86 -14.29
C ASN A 168 -10.51 4.65 -13.12
N LEU A 169 -10.01 4.19 -11.97
CA LEU A 169 -10.85 3.92 -10.76
C LEU A 169 -11.38 5.22 -10.20
N HIS A 170 -12.64 5.20 -9.71
CA HIS A 170 -13.14 6.22 -8.75
C HIS A 170 -12.34 6.08 -7.45
N GLU A 171 -12.06 7.19 -6.82
CA GLU A 171 -11.39 7.23 -5.50
C GLU A 171 -12.15 6.33 -4.51
N GLU A 172 -13.49 6.27 -4.60
CA GLU A 172 -14.34 5.37 -3.77
C GLU A 172 -13.87 3.92 -3.96
N GLU A 173 -13.54 3.54 -5.20
CA GLU A 173 -13.07 2.18 -5.57
C GLU A 173 -11.63 2.04 -5.12
N HIS A 174 -10.84 3.10 -5.29
CA HIS A 174 -9.43 3.14 -4.84
C HIS A 174 -9.36 2.74 -3.36
N VAL A 175 -10.12 3.43 -2.50
CA VAL A 175 -9.95 3.32 -1.02
C VAL A 175 -10.55 1.98 -0.56
N LEU A 176 -11.60 1.49 -1.22
CA LEU A 176 -12.18 0.16 -0.94
C LEU A 176 -11.13 -0.89 -1.29
N LEU A 177 -10.39 -0.72 -2.39
CA LEU A 177 -9.38 -1.72 -2.80
C LEU A 177 -8.26 -1.77 -1.76
N MET A 178 -7.85 -0.61 -1.26
CA MET A 178 -6.83 -0.50 -0.20
C MET A 178 -7.28 -1.25 1.06
N ALA A 179 -8.54 -1.11 1.44
CA ALA A 179 -9.06 -1.77 2.67
C ALA A 179 -9.14 -3.28 2.44
N ILE A 180 -9.58 -3.68 1.25
CA ILE A 180 -9.76 -5.12 0.89
C ILE A 180 -8.37 -5.75 0.81
N CYS A 181 -7.40 -5.04 0.26
CA CYS A 181 -5.97 -5.42 0.30
C CYS A 181 -5.50 -5.76 1.73
N ILE A 182 -5.82 -4.90 2.71
CA ILE A 182 -5.31 -4.97 4.11
C ILE A 182 -6.06 -6.12 4.79
N VAL A 183 -7.40 -6.10 4.75
CA VAL A 183 -8.20 -7.02 5.59
C VAL A 183 -8.45 -8.28 4.77
N SER A 184 -7.43 -9.13 4.67
CA SER A 184 -7.44 -10.30 3.76
C SER A 184 -7.19 -11.58 4.53
N PRO A 185 -8.20 -12.49 4.62
CA PRO A 185 -8.15 -13.68 5.47
C PRO A 185 -7.17 -14.77 5.00
N ASP A 186 -6.67 -14.66 3.77
CA ASP A 186 -5.62 -15.56 3.24
C ASP A 186 -4.21 -15.02 3.57
N ARG A 187 -4.04 -14.10 4.52
CA ARG A 187 -2.66 -13.66 4.88
C ARG A 187 -2.10 -14.61 5.95
N PRO A 188 -0.80 -14.98 5.87
CA PRO A 188 -0.16 -15.81 6.89
C PRO A 188 -0.26 -15.24 8.31
N GLY A 189 -0.50 -16.11 9.29
CA GLY A 189 -0.48 -15.76 10.73
C GLY A 189 -1.84 -15.30 11.22
N VAL A 190 -2.85 -15.26 10.36
CA VAL A 190 -4.20 -14.78 10.78
C VAL A 190 -4.79 -15.81 11.75
N GLN A 191 -5.27 -15.38 12.92
CA GLN A 191 -5.89 -16.28 13.93
C GLN A 191 -7.37 -16.45 13.57
N ASP A 192 -8.15 -15.38 13.68
CA ASP A 192 -9.60 -15.38 13.42
C ASP A 192 -9.85 -15.03 11.94
N ALA A 193 -9.62 -15.98 11.03
CA ALA A 193 -9.80 -15.82 9.56
C ALA A 193 -11.27 -15.57 9.23
N LYS A 194 -12.17 -16.18 10.00
CA LYS A 194 -13.63 -16.02 9.82
C LYS A 194 -13.99 -14.56 10.04
N LEU A 195 -13.43 -13.92 11.06
CA LEU A 195 -13.76 -12.51 11.37
C LEU A 195 -13.14 -11.60 10.29
N VAL A 196 -11.95 -11.94 9.80
CA VAL A 196 -11.23 -11.16 8.75
C VAL A 196 -12.03 -11.27 7.46
N GLU A 197 -12.44 -12.50 7.12
CA GLU A 197 -13.28 -12.82 5.93
C GLU A 197 -14.58 -12.02 6.04
N ALA A 198 -15.21 -12.00 7.22
CA ALA A 198 -16.49 -11.28 7.43
C ALA A 198 -16.27 -9.80 7.09
N ILE A 199 -15.29 -9.14 7.69
CA ILE A 199 -14.92 -7.74 7.35
C ILE A 199 -14.74 -7.65 5.82
N GLN A 200 -13.97 -8.57 5.23
CA GLN A 200 -13.61 -8.43 3.80
C GLN A 200 -14.88 -8.56 2.93
N ASP A 201 -15.77 -9.50 3.22
CA ASP A 201 -17.02 -9.70 2.43
C ASP A 201 -17.80 -8.39 2.45
N ARG A 202 -17.95 -7.78 3.63
CA ARG A 202 -18.72 -6.53 3.78
C ARG A 202 -18.08 -5.46 2.88
N LEU A 203 -16.74 -5.41 2.83
CA LEU A 203 -16.00 -4.47 1.95
C LEU A 203 -16.19 -4.86 0.49
N SER A 204 -16.10 -6.16 0.18
CA SER A 204 -16.28 -6.70 -1.20
C SER A 204 -17.69 -6.35 -1.68
N ASN A 205 -18.72 -6.66 -0.87
CA ASN A 205 -20.16 -6.43 -1.22
C ASN A 205 -20.31 -4.95 -1.53
N THR A 206 -19.68 -4.11 -0.71
CA THR A 206 -19.80 -2.63 -0.82
C THR A 206 -19.22 -2.22 -2.17
N LEU A 207 -18.06 -2.79 -2.54
CA LEU A 207 -17.32 -2.46 -3.78
C LEU A 207 -18.14 -2.89 -5.00
N GLN A 208 -18.66 -4.11 -4.98
CA GLN A 208 -19.49 -4.70 -6.08
C GLN A 208 -20.76 -3.87 -6.25
N THR A 209 -21.41 -3.53 -5.14
CA THR A 209 -22.65 -2.73 -5.13
C THR A 209 -22.32 -1.34 -5.68
N TYR A 210 -21.21 -0.74 -5.28
CA TYR A 210 -20.75 0.59 -5.78
C TYR A 210 -20.56 0.53 -7.30
N ILE A 211 -19.93 -0.53 -7.79
CA ILE A 211 -19.58 -0.65 -9.24
C ILE A 211 -20.89 -0.70 -10.07
N ARG A 212 -21.85 -1.54 -9.65
CA ARG A 212 -23.19 -1.68 -10.26
C ARG A 212 -23.96 -0.35 -10.16
N CYS A 213 -24.11 0.21 -8.97
CA CYS A 213 -24.99 1.39 -8.74
C CYS A 213 -24.34 2.66 -9.26
N ARG A 214 -23.01 2.70 -9.38
CA ARG A 214 -22.31 4.00 -9.51
C ARG A 214 -21.27 3.98 -10.61
N HIS A 215 -20.67 2.84 -10.98
CA HIS A 215 -19.63 2.87 -12.05
C HIS A 215 -20.36 2.74 -13.38
N PRO A 216 -20.17 3.71 -14.31
CA PRO A 216 -20.73 3.63 -15.65
C PRO A 216 -20.34 2.38 -16.46
N PRO A 217 -21.35 1.57 -16.89
CA PRO A 217 -21.15 0.58 -17.96
C PRO A 217 -20.85 1.24 -19.29
N PRO A 218 -19.97 0.68 -20.16
CA PRO A 218 -19.37 -0.63 -19.94
C PRO A 218 -18.05 -0.66 -19.13
N GLY A 219 -17.60 0.48 -18.62
CA GLY A 219 -16.48 0.58 -17.67
C GLY A 219 -16.65 -0.36 -16.47
N SER A 220 -17.88 -0.60 -16.01
CA SER A 220 -18.15 -1.52 -14.86
C SER A 220 -17.94 -3.00 -15.24
N HIS A 221 -17.76 -3.32 -16.53
CA HIS A 221 -17.74 -4.73 -17.02
C HIS A 221 -16.53 -5.47 -16.42
N GLN A 222 -16.76 -6.44 -15.53
CA GLN A 222 -15.69 -7.30 -14.95
C GLN A 222 -14.68 -6.39 -14.24
N LEU A 223 -15.11 -5.19 -13.85
CA LEU A 223 -14.21 -4.19 -13.20
C LEU A 223 -13.79 -4.78 -11.84
N TYR A 224 -14.75 -5.31 -11.09
CA TYR A 224 -14.46 -6.02 -9.83
C TYR A 224 -13.35 -7.04 -10.09
N ALA A 225 -13.45 -7.81 -11.17
CA ALA A 225 -12.49 -8.90 -11.45
C ALA A 225 -11.13 -8.31 -11.79
N LYS A 226 -11.09 -7.16 -12.50
CA LYS A 226 -9.80 -6.55 -12.91
C LYS A 226 -9.10 -5.97 -11.66
N MET A 227 -9.86 -5.36 -10.75
CA MET A 227 -9.45 -4.91 -9.40
C MET A 227 -8.86 -6.06 -8.60
N ILE A 228 -9.53 -7.21 -8.51
CA ILE A 228 -8.98 -8.34 -7.68
C ILE A 228 -7.66 -8.81 -8.34
N GLN A 229 -7.61 -8.91 -9.68
CA GLN A 229 -6.34 -9.22 -10.39
C GLN A 229 -5.24 -8.27 -9.93
N LYS A 230 -5.55 -6.98 -9.78
CA LYS A 230 -4.55 -5.97 -9.32
C LYS A 230 -4.08 -6.33 -7.91
N LEU A 231 -4.97 -6.79 -7.04
CA LEU A 231 -4.55 -7.36 -5.74
C LEU A 231 -3.57 -8.53 -5.95
N ALA A 232 -3.83 -9.42 -6.87
CA ALA A 232 -2.93 -10.57 -7.20
C ALA A 232 -1.59 -10.03 -7.66
N ASP A 233 -1.57 -8.97 -8.48
CA ASP A 233 -0.31 -8.33 -8.95
C ASP A 233 0.44 -7.74 -7.76
N LEU A 234 -0.25 -7.17 -6.77
CA LEU A 234 0.36 -6.66 -5.51
C LEU A 234 0.95 -7.84 -4.71
N ARG A 235 0.26 -8.99 -4.60
CA ARG A 235 0.82 -10.14 -3.80
C ARG A 235 2.18 -10.56 -4.39
N SER A 236 2.20 -10.67 -5.70
CA SER A 236 3.40 -11.07 -6.49
C SER A 236 4.52 -10.02 -6.35
N LEU A 237 4.19 -8.74 -6.40
CA LEU A 237 5.18 -7.65 -6.19
C LEU A 237 5.70 -7.73 -4.75
N ASN A 238 4.79 -8.05 -3.83
CA ASN A 238 5.09 -8.25 -2.39
C ASN A 238 6.15 -9.35 -2.24
N GLU A 239 5.91 -10.53 -2.83
CA GLU A 239 6.84 -11.68 -2.64
C GLU A 239 8.16 -11.34 -3.34
N GLU A 240 8.16 -10.71 -4.51
CA GLU A 240 9.42 -10.28 -5.16
C GLU A 240 10.11 -9.20 -4.30
N HIS A 241 9.38 -8.32 -3.64
CA HIS A 241 10.03 -7.35 -2.72
C HIS A 241 10.68 -8.10 -1.54
N SER A 242 9.96 -9.03 -0.94
CA SER A 242 10.46 -9.92 0.13
C SER A 242 11.80 -10.55 -0.24
N LYS A 243 11.89 -11.18 -1.41
CA LYS A 243 13.10 -11.94 -1.82
C LYS A 243 14.24 -10.95 -1.89
N GLN A 244 14.01 -9.81 -2.52
CA GLN A 244 15.13 -8.87 -2.73
C GLN A 244 15.50 -8.25 -1.38
N TYR A 245 14.54 -8.08 -0.47
CA TYR A 245 14.78 -7.45 0.85
C TYR A 245 15.59 -8.45 1.68
N ARG A 246 15.15 -9.72 1.69
CA ARG A 246 15.86 -10.83 2.37
C ARG A 246 17.36 -10.76 1.98
N SER A 247 17.66 -10.71 0.68
CA SER A 247 19.02 -10.53 0.13
C SER A 247 19.66 -9.27 0.69
N LEU A 248 19.11 -8.11 0.30
CA LEU A 248 19.63 -6.75 0.58
C LEU A 248 20.04 -6.70 2.05
N SER A 249 19.13 -7.13 2.93
CA SER A 249 19.19 -6.92 4.39
C SER A 249 20.24 -7.83 5.00
N PHE A 250 20.65 -8.90 4.31
CA PHE A 250 21.65 -9.88 4.82
C PHE A 250 23.05 -9.29 4.71
N GLN A 251 23.13 -8.17 4.00
CA GLN A 251 24.36 -7.36 3.89
C GLN A 251 24.30 -6.20 4.89
N PRO A 252 25.12 -6.22 5.97
CA PRO A 252 24.96 -5.26 7.06
C PRO A 252 25.19 -3.80 6.64
N GLU A 253 26.01 -3.55 5.62
CA GLU A 253 26.23 -2.17 5.14
C GLU A 253 24.91 -1.60 4.61
N ASN A 254 24.02 -2.45 4.07
CA ASN A 254 22.67 -2.07 3.60
C ASN A 254 21.68 -1.99 4.78
N SER A 255 21.58 -3.03 5.59
CA SER A 255 20.65 -3.01 6.76
C SER A 255 20.92 -1.74 7.58
N MET A 256 22.18 -1.34 7.66
CA MET A 256 22.66 -0.10 8.34
C MET A 256 21.89 1.12 7.83
N LYS A 257 21.49 1.15 6.57
CA LYS A 257 20.82 2.35 6.00
C LYS A 257 19.30 2.27 6.18
N LEU A 258 18.75 1.17 6.76
CA LEU A 258 17.27 1.02 6.89
C LEU A 258 16.82 1.79 8.14
N THR A 259 15.58 1.62 8.58
CA THR A 259 15.03 2.24 9.80
C THR A 259 14.64 1.14 10.75
N PRO A 260 14.51 1.45 12.06
CA PRO A 260 14.01 0.47 13.03
C PRO A 260 12.63 -0.08 12.63
N LEU A 261 11.71 0.76 12.17
CA LEU A 261 10.35 0.30 11.79
C LEU A 261 10.42 -0.65 10.60
N VAL A 262 11.24 -0.33 9.59
CA VAL A 262 11.41 -1.18 8.40
C VAL A 262 11.99 -2.55 8.83
N LEU A 263 12.86 -2.60 9.84
CA LEU A 263 13.49 -3.85 10.30
C LEU A 263 12.47 -4.70 11.07
N GLU A 264 11.58 -4.08 11.85
CA GLU A 264 10.51 -4.77 12.60
C GLU A 264 9.45 -5.32 11.62
N VAL A 265 9.08 -4.55 10.62
CA VAL A 265 7.96 -4.92 9.71
C VAL A 265 8.43 -5.96 8.71
N PHE A 266 9.55 -5.71 8.00
CA PHE A 266 10.02 -6.57 6.88
C PHE A 266 10.96 -7.67 7.38
N GLY A 267 11.63 -7.45 8.51
CA GLY A 267 12.41 -8.51 9.20
C GLY A 267 13.90 -8.18 9.27
N ASN A 268 14.59 -8.86 10.18
CA ASN A 268 16.01 -8.61 10.54
C ASN A 268 16.87 -9.77 10.02
N ASN B 2 6.17 -9.91 18.44
CA ASN B 2 7.51 -9.33 18.77
C ASN B 2 7.69 -8.02 17.98
N HIS B 3 6.73 -7.10 18.13
CA HIS B 3 6.48 -5.96 17.20
C HIS B 3 6.09 -4.73 18.00
N PRO B 4 6.99 -4.24 18.88
CA PRO B 4 6.64 -3.18 19.85
C PRO B 4 6.31 -1.85 19.16
N MET B 5 6.98 -1.53 18.05
CA MET B 5 6.77 -0.22 17.36
C MET B 5 5.43 -0.28 16.61
N LEU B 6 5.12 -1.37 15.90
CA LEU B 6 3.78 -1.58 15.29
C LEU B 6 2.71 -1.51 16.37
N MET B 7 2.94 -2.21 17.48
CA MET B 7 1.98 -2.25 18.59
C MET B 7 1.70 -0.81 19.06
N ASN B 8 2.75 -0.01 19.23
CA ASN B 8 2.67 1.41 19.68
C ASN B 8 1.89 2.23 18.66
N LEU B 9 2.18 2.07 17.37
CA LEU B 9 1.50 2.88 16.32
C LEU B 9 0.04 2.45 16.21
N LEU B 10 -0.28 1.21 16.57
CA LEU B 10 -1.68 0.72 16.62
C LEU B 10 -2.48 1.35 17.77
N LYS B 11 -1.86 1.68 18.90
CA LYS B 11 -2.59 1.96 20.17
C LYS B 11 -2.76 3.47 20.37
C27 FKC C . 14.60 -0.85 0.73
C19 FKC C . 11.36 0.36 -5.17
C24 FKC C . 3.61 8.20 -3.07
C17 FKC C . 6.96 4.74 -3.73
C12 FKC C . 9.50 4.26 -3.79
C13 FKC C . 8.10 3.91 -4.26
C1 FKC C . 12.44 0.99 -3.06
C4 FKC C . 10.72 -0.75 -1.58
C3 FKC C . 12.11 -0.43 -1.01
C7 FKC C . 8.19 0.14 -3.24
C8 FKC C . 8.66 1.43 -3.91
C10 FKC C . 11.11 0.67 -3.70
C2 FKC C . 12.45 0.96 -1.53
C6 FKC C . 9.19 -0.99 -3.51
O4A FKC C . 3.36 7.67 -1.97
O4 FKC C . 2.78 8.88 -3.65
C23 FKC C . 4.92 7.97 -3.78
C22 FKC C . 5.47 6.62 -3.45
C20 FKC C . 6.59 6.10 -4.35
C21 FKC C . 7.76 7.07 -4.54
C18 FKC C . 8.01 3.83 -5.78
C16 FKC C . 5.76 3.80 -3.76
C15 FKC C . 6.31 2.37 -3.87
C14 FKC C . 7.76 2.58 -3.58
C9 FKC C . 10.09 1.81 -3.46
C11 FKC C . 10.49 3.12 -4.11
C5 FKC C . 10.60 -0.64 -3.09
C29 FKC C . 12.11 -0.43 0.53
C25 FKC C . 13.20 -1.31 1.17
C26 FKC C . 13.12 -1.33 2.69
O28 FKC C . 13.03 -2.66 0.75
H27 FKC C . 14.53 0.08 0.22
H271 FKC C . 15.02 -1.56 0.09
H272 FKC C . 15.24 -0.72 1.57
H19A FKC C . 10.71 0.94 -5.79
H19 FKC C . 11.20 -0.67 -5.39
H19B FKC C . 12.36 0.61 -5.42
H17 FKC C . 7.19 4.94 -2.66
H12 FKC C . 9.49 4.45 -2.71
H12A FKC C . 9.84 5.16 -4.29
H1 FKC C . 13.17 0.24 -3.39
H1A FKC C . 12.82 1.96 -3.40
H4A FKC C . 10.01 -0.05 -1.12
H4 FKC C . 10.42 -1.74 -1.26
H3 FKC C . 12.84 -1.16 -1.40
H7 FKC C . 7.22 -0.15 -3.64
H7A FKC C . 8.08 0.29 -2.17
H8 FKC C . 8.66 1.26 -4.99
H2 FKC C . 13.44 1.27 -1.18
H2A FKC C . 11.73 1.68 -1.13
H6 FKC C . 9.16 -1.22 -4.57
H6A FKC C . 8.87 -1.88 -2.97
H23 FKC C . 5.62 8.75 -3.48
H23A FKC C . 4.77 8.06 -4.87
H22 FKC C . 4.64 5.92 -3.46
H22A FKC C . 5.83 6.65 -2.43
H20 FKC C . 6.15 5.93 -5.35
H21 FKC C . 8.63 6.70 -4.06
H21B FKC C . 7.53 8.00 -4.10
H21A FKC C . 7.95 7.20 -5.57
H18 FKC C . 7.21 4.41 -6.14
H18B FKC C . 7.88 2.84 -6.09
H18A FKC C . 8.91 4.20 -6.20
H16 FKC C . 5.12 4.01 -4.63
H16A FKC C . 5.16 3.89 -2.86
H15 FKC C . 6.15 1.96 -4.86
H15A FKC C . 5.84 1.73 -3.12
H14 FKC C . 7.85 2.74 -2.50
H9 FKC C . 10.04 1.98 -2.38
H11A FKC C . 11.47 3.43 -3.74
H11 FKC C . 10.57 3.01 -5.19
H5 FKC C . 11.24 -1.45 -3.48
H31 FKC C . 12.23 0.58 0.89
HO1B FKC C . 11.14 -0.78 0.88
H26 FKC C . 12.29 -0.75 3.01
H261 FKC C . 13.99 -0.95 3.13
H262 FKC C . 12.98 -2.33 3.02
H30 FKC C . 13.69 -3.22 1.14
C FMT D . -1.68 10.32 -15.88
O1 FMT D . -0.92 9.37 -16.02
O2 FMT D . -2.48 10.47 -14.87
H FMT D . -1.68 11.00 -16.55
HO2 FMT D . -2.78 9.87 -14.35
#